data_7VI8
#
_entry.id   7VI8
#
_cell.length_a   54.230
_cell.length_b   67.030
_cell.length_c   146.400
_cell.angle_alpha   90.000
_cell.angle_beta   90.000
_cell.angle_gamma   90.000
#
_symmetry.space_group_name_H-M   'P 21 21 21'
#
loop_
_entity.id
_entity.type
_entity.pdbx_description
1 polymer 'Chitooligosaccharide deacetylase'
2 non-polymer 'ZINC ION'
3 non-polymer 'ACETATE ION'
4 water water
#
_entity_poly.entity_id   1
_entity_poly.type   'polypeptide(L)'
_entity_poly.pdbx_seq_one_letter_code
;MERVLIVNADDFGLSKGQNYGIIEACRNGVVTSTTALVNGAAIDHAAQLGRSTPELAVGMHFVLTLGEPLSAMPGLTRDG
RLGKWIWQQAEEDSLPLEEIAHELACQYHRFVELFGHEPTHIDSHHHVHMFAQIYPIVAAFAREKGIALRIDRQVAAQSG
LDQQAARSSAGFSSEFYGEAVSEELFLQTLDASIARGERSLEVMCHPAYVDRIIMGSAYCYPRLDELDVLTAASLKAAVA
DRGYRLGTYRDVLE
;
_entity_poly.pdbx_strand_id   A,B
#
loop_
_chem_comp.id
_chem_comp.type
_chem_comp.name
_chem_comp.formula
ACT non-polymer 'ACETATE ION' 'C2 H3 O2 -1'
ZN non-polymer 'ZINC ION' 'Zn 2'
#
# COMPACT_ATOMS: atom_id res chain seq x y z
N GLU A 2 6.21 -24.62 -14.81
CA GLU A 2 5.33 -25.78 -14.67
C GLU A 2 4.93 -25.99 -13.20
N ARG A 3 5.91 -26.07 -12.30
CA ARG A 3 5.67 -25.96 -10.86
C ARG A 3 6.38 -24.71 -10.37
N VAL A 4 5.90 -24.17 -9.26
CA VAL A 4 6.47 -22.97 -8.67
C VAL A 4 6.86 -23.29 -7.23
N LEU A 5 8.10 -22.95 -6.87
CA LEU A 5 8.62 -23.16 -5.53
C LEU A 5 8.83 -21.80 -4.88
N ILE A 6 8.16 -21.56 -3.77
CA ILE A 6 8.40 -20.38 -2.93
C ILE A 6 9.21 -20.84 -1.74
N VAL A 7 10.39 -20.26 -1.54
CA VAL A 7 11.19 -20.52 -0.35
C VAL A 7 11.17 -19.26 0.50
N ASN A 8 10.46 -19.30 1.63
CA ASN A 8 10.21 -18.11 2.44
C ASN A 8 10.98 -18.17 3.75
N ALA A 9 11.86 -17.19 3.98
CA ALA A 9 12.56 -17.07 5.25
C ALA A 9 11.70 -16.30 6.24
N ASP A 10 11.33 -16.93 7.34
CA ASP A 10 10.54 -16.25 8.38
C ASP A 10 11.42 -15.35 9.23
N ASP A 11 10.79 -14.34 9.84
CA ASP A 11 11.37 -13.49 10.89
C ASP A 11 12.40 -12.48 10.37
N PHE A 12 12.23 -11.99 9.14
CA PHE A 12 12.95 -10.78 8.71
C PHE A 12 12.69 -9.67 9.71
N GLY A 13 13.77 -9.03 10.19
CA GLY A 13 13.62 -7.97 11.18
C GLY A 13 13.89 -8.39 12.62
N LEU A 14 13.99 -9.70 12.89
CA LEU A 14 14.29 -10.18 14.23
C LEU A 14 15.62 -9.65 14.75
N SER A 15 16.68 -9.77 13.95
N SER A 15 16.67 -9.76 13.96
CA SER A 15 17.99 -9.30 14.35
CA SER A 15 18.00 -9.31 14.36
C SER A 15 18.79 -8.99 13.10
C SER A 15 18.79 -9.00 13.10
N LYS A 16 19.88 -8.24 13.28
CA LYS A 16 20.70 -7.88 12.13
C LYS A 16 21.38 -9.12 11.53
N GLY A 17 21.77 -10.08 12.38
CA GLY A 17 22.35 -11.32 11.86
C GLY A 17 21.37 -12.13 11.02
N GLN A 18 20.11 -12.21 11.47
CA GLN A 18 19.10 -12.90 10.67
C GLN A 18 18.88 -12.17 9.35
N ASN A 19 18.80 -10.84 9.42
CA ASN A 19 18.63 -10.02 8.24
C ASN A 19 19.69 -10.35 7.19
N TYR A 20 20.97 -10.36 7.61
CA TYR A 20 22.02 -10.66 6.64
C TYR A 20 21.98 -12.11 6.16
N GLY A 21 21.56 -13.05 7.02
CA GLY A 21 21.40 -14.42 6.57
C GLY A 21 20.35 -14.57 5.48
N ILE A 22 19.23 -13.85 5.63
CA ILE A 22 18.15 -13.93 4.64
C ILE A 22 18.59 -13.31 3.32
N ILE A 23 19.20 -12.12 3.37
CA ILE A 23 19.71 -11.49 2.15
C ILE A 23 20.67 -12.43 1.45
N GLU A 24 21.55 -13.09 2.20
CA GLU A 24 22.54 -13.98 1.59
C GLU A 24 21.89 -15.22 0.99
N ALA A 25 20.90 -15.78 1.68
CA ALA A 25 20.20 -16.96 1.18
C ALA A 25 19.45 -16.65 -0.11
N CYS A 26 19.10 -15.39 -0.33
CA CYS A 26 18.41 -14.95 -1.54
C CYS A 26 19.40 -14.63 -2.65
N ARG A 27 20.38 -13.76 -2.36
CA ARG A 27 21.29 -13.31 -3.40
C ARG A 27 22.13 -14.47 -3.93
N ASN A 28 22.55 -15.38 -3.05
CA ASN A 28 23.39 -16.50 -3.46
C ASN A 28 22.74 -17.86 -3.19
N GLY A 29 21.42 -17.91 -3.07
CA GLY A 29 20.75 -19.17 -2.82
C GLY A 29 19.35 -19.27 -3.42
N VAL A 30 18.50 -20.15 -2.85
CA VAL A 30 17.16 -20.38 -3.40
C VAL A 30 16.08 -19.64 -2.64
N VAL A 31 16.42 -18.82 -1.65
CA VAL A 31 15.37 -18.08 -0.95
C VAL A 31 14.82 -17.01 -1.87
N THR A 32 13.50 -17.02 -2.10
CA THR A 32 12.85 -16.07 -2.97
C THR A 32 11.98 -15.07 -2.22
N SER A 33 11.73 -15.31 -0.93
CA SER A 33 10.68 -14.62 -0.20
C SER A 33 11.06 -14.58 1.27
N THR A 34 10.62 -13.52 1.96
CA THR A 34 10.81 -13.42 3.40
C THR A 34 9.60 -12.71 3.98
N THR A 35 9.32 -12.96 5.26
CA THR A 35 8.21 -12.34 5.96
C THR A 35 8.74 -11.62 7.19
N ALA A 36 8.30 -10.38 7.38
CA ALA A 36 8.92 -9.43 8.30
C ALA A 36 8.10 -9.20 9.56
N LEU A 37 8.80 -9.14 10.68
CA LEU A 37 8.24 -8.74 11.97
C LEU A 37 8.26 -7.22 12.02
N VAL A 38 7.10 -6.58 11.82
CA VAL A 38 7.15 -5.12 11.71
C VAL A 38 7.48 -4.43 13.04
N ASN A 39 7.47 -5.17 14.16
CA ASN A 39 7.89 -4.64 15.46
C ASN A 39 9.26 -5.17 15.90
N GLY A 40 10.02 -5.81 15.01
CA GLY A 40 11.26 -6.44 15.44
C GLY A 40 12.35 -5.46 15.79
N ALA A 41 13.30 -5.93 16.60
CA ALA A 41 14.40 -5.07 17.06
C ALA A 41 15.22 -4.51 15.91
N ALA A 42 15.33 -5.25 14.80
CA ALA A 42 16.09 -4.81 13.63
C ALA A 42 15.20 -4.62 12.40
N ILE A 43 14.01 -4.04 12.58
CA ILE A 43 13.10 -3.92 11.45
C ILE A 43 13.54 -2.79 10.50
N ASP A 44 13.99 -1.65 11.04
CA ASP A 44 14.46 -0.59 10.14
C ASP A 44 15.64 -1.07 9.31
N HIS A 45 16.54 -1.83 9.92
CA HIS A 45 17.66 -2.46 9.22
C HIS A 45 17.16 -3.41 8.13
N ALA A 46 16.17 -4.26 8.45
CA ALA A 46 15.61 -5.14 7.43
C ALA A 46 15.03 -4.34 6.27
N ALA A 47 14.37 -3.21 6.56
CA ALA A 47 13.73 -2.43 5.51
C ALA A 47 14.75 -1.78 4.59
N GLN A 48 15.90 -1.36 5.12
CA GLN A 48 16.96 -0.82 4.27
C GLN A 48 17.49 -1.89 3.30
N LEU A 49 17.65 -3.14 3.79
CA LEU A 49 18.12 -4.20 2.91
C LEU A 49 17.07 -4.54 1.86
N GLY A 50 15.80 -4.64 2.28
CA GLY A 50 14.74 -4.94 1.33
C GLY A 50 14.64 -3.92 0.21
N ARG A 51 14.75 -2.64 0.56
CA ARG A 51 14.76 -1.58 -0.45
C ARG A 51 15.91 -1.73 -1.44
N SER A 52 17.02 -2.34 -1.02
CA SER A 52 18.20 -2.51 -1.84
C SER A 52 18.27 -3.84 -2.57
N THR A 53 17.30 -4.72 -2.38
CA THR A 53 17.34 -6.09 -2.89
C THR A 53 16.02 -6.39 -3.55
N PRO A 54 15.76 -5.82 -4.73
CA PRO A 54 14.50 -6.07 -5.44
C PRO A 54 14.25 -7.54 -5.74
N GLU A 55 15.29 -8.36 -5.78
CA GLU A 55 15.09 -9.76 -6.10
C GLU A 55 14.51 -10.55 -4.94
N LEU A 56 14.27 -9.92 -3.80
CA LEU A 56 13.69 -10.56 -2.63
C LEU A 56 12.28 -10.04 -2.43
N ALA A 57 11.30 -10.93 -2.47
CA ALA A 57 9.94 -10.53 -2.15
C ALA A 57 9.75 -10.56 -0.64
N VAL A 58 8.91 -9.66 -0.15
CA VAL A 58 8.70 -9.46 1.27
C VAL A 58 7.20 -9.51 1.56
N GLY A 59 6.81 -10.35 2.53
CA GLY A 59 5.46 -10.37 3.05
C GLY A 59 5.49 -10.04 4.54
N MET A 60 4.32 -10.07 5.15
CA MET A 60 4.20 -9.65 6.55
C MET A 60 4.09 -10.84 7.52
N HIS A 61 5.01 -10.89 8.48
CA HIS A 61 5.02 -11.89 9.56
C HIS A 61 4.18 -11.34 10.71
N PHE A 62 2.86 -11.51 10.60
CA PHE A 62 1.94 -11.11 11.66
C PHE A 62 2.38 -11.74 12.99
N VAL A 63 2.49 -10.92 14.03
CA VAL A 63 3.06 -11.36 15.30
C VAL A 63 2.16 -10.95 16.45
N LEU A 64 1.81 -11.92 17.30
CA LEU A 64 0.99 -11.70 18.48
C LEU A 64 1.65 -12.22 19.76
N THR A 65 2.90 -12.69 19.68
CA THR A 65 3.49 -13.35 20.84
C THR A 65 4.94 -12.94 21.15
N LEU A 66 5.50 -11.93 20.49
CA LEU A 66 6.91 -11.67 20.77
C LEU A 66 7.23 -10.22 21.13
N GLY A 67 6.95 -9.24 20.29
CA GLY A 67 7.47 -7.94 20.72
C GLY A 67 6.55 -7.18 21.67
N GLU A 68 6.48 -5.87 21.46
CA GLU A 68 5.35 -5.06 21.89
C GLU A 68 4.45 -4.78 20.69
N PRO A 69 3.13 -4.78 20.84
CA PRO A 69 2.26 -4.50 19.69
C PRO A 69 2.35 -3.04 19.26
N LEU A 70 1.88 -2.78 18.05
CA LEU A 70 1.86 -1.40 17.59
C LEU A 70 0.73 -0.62 18.25
N SER A 71 -0.43 -1.24 18.39
CA SER A 71 -1.57 -0.66 19.07
C SER A 71 -1.66 -1.20 20.50
N ALA A 72 -2.45 -0.51 21.31
CA ALA A 72 -2.72 -0.96 22.67
C ALA A 72 -3.67 -2.16 22.64
N MET A 73 -3.25 -3.27 23.25
CA MET A 73 -4.05 -4.50 23.31
C MET A 73 -4.20 -4.94 24.77
N PRO A 74 -4.97 -4.20 25.57
CA PRO A 74 -5.08 -4.58 27.00
C PRO A 74 -5.68 -5.95 27.21
N GLY A 75 -6.44 -6.46 26.24
CA GLY A 75 -6.95 -7.80 26.32
C GLY A 75 -5.92 -8.88 26.04
N LEU A 76 -4.69 -8.49 25.66
CA LEU A 76 -3.69 -9.48 25.26
C LEU A 76 -2.33 -9.29 25.93
N THR A 77 -1.84 -8.06 26.05
CA THR A 77 -0.49 -7.83 26.58
C THR A 77 -0.42 -8.01 28.09
N ARG A 78 0.76 -8.39 28.58
CA ARG A 78 1.05 -8.43 30.01
C ARG A 78 2.32 -7.63 30.25
N ASP A 79 2.23 -6.62 31.11
CA ASP A 79 3.31 -5.64 31.30
C ASP A 79 3.71 -5.04 29.95
N GLY A 80 2.70 -4.74 29.13
CA GLY A 80 2.91 -4.12 27.84
C GLY A 80 3.48 -5.01 26.76
N ARG A 81 3.75 -6.28 27.03
CA ARG A 81 4.43 -7.14 26.08
C ARG A 81 3.52 -8.27 25.60
N LEU A 82 3.79 -8.74 24.40
CA LEU A 82 3.17 -9.94 23.86
C LEU A 82 3.88 -11.19 24.41
N GLY A 83 3.20 -12.33 24.30
CA GLY A 83 3.81 -13.56 24.79
C GLY A 83 2.98 -14.79 24.50
N LYS A 84 3.43 -15.92 25.03
CA LYS A 84 2.98 -17.24 24.59
C LYS A 84 1.75 -17.76 25.34
N TRP A 85 1.13 -16.94 26.18
CA TRP A 85 -0.13 -17.32 26.80
C TRP A 85 -1.28 -17.37 25.80
N ILE A 86 -1.02 -17.03 24.53
CA ILE A 86 -2.12 -16.92 23.56
C ILE A 86 -2.72 -18.30 23.23
N TRP A 87 -1.92 -19.38 23.32
CA TRP A 87 -2.45 -20.71 23.02
C TRP A 87 -3.54 -21.09 24.02
N GLN A 88 -3.25 -20.96 25.31
CA GLN A 88 -4.27 -21.22 26.32
C GLN A 88 -5.43 -20.24 26.20
N GLN A 89 -5.14 -18.97 25.94
CA GLN A 89 -6.21 -17.99 25.78
C GLN A 89 -7.11 -18.36 24.61
N ALA A 90 -6.53 -18.90 23.54
CA ALA A 90 -7.33 -19.41 22.42
C ALA A 90 -8.24 -20.55 22.86
N GLU A 91 -7.71 -21.53 23.58
CA GLU A 91 -8.55 -22.68 23.89
C GLU A 91 -9.60 -22.36 24.96
N GLU A 92 -9.38 -21.34 25.79
CA GLU A 92 -10.43 -20.86 26.68
C GLU A 92 -11.44 -19.94 26.00
N ASP A 93 -11.30 -19.73 24.68
CA ASP A 93 -12.17 -18.82 23.93
C ASP A 93 -12.16 -17.42 24.55
N SER A 94 -10.98 -16.95 24.96
CA SER A 94 -10.82 -15.65 25.61
C SER A 94 -9.96 -14.69 24.80
N LEU A 95 -9.82 -14.94 23.50
CA LEU A 95 -9.03 -14.04 22.68
C LEU A 95 -9.77 -12.72 22.48
N PRO A 96 -9.08 -11.58 22.57
CA PRO A 96 -9.67 -10.28 22.24
C PRO A 96 -9.67 -10.07 20.73
N LEU A 97 -10.69 -10.64 20.07
CA LEU A 97 -10.66 -10.77 18.63
C LEU A 97 -10.69 -9.42 17.93
N GLU A 98 -11.39 -8.43 18.50
CA GLU A 98 -11.39 -7.11 17.88
C GLU A 98 -10.02 -6.44 18.00
N GLU A 99 -9.40 -6.51 19.18
CA GLU A 99 -8.05 -5.97 19.35
C GLU A 99 -7.10 -6.62 18.36
N ILE A 100 -7.26 -7.93 18.15
CA ILE A 100 -6.42 -8.66 17.21
C ILE A 100 -6.60 -8.14 15.80
N ALA A 101 -7.85 -7.96 15.37
CA ALA A 101 -8.10 -7.44 14.03
C ALA A 101 -7.51 -6.06 13.84
N HIS A 102 -7.61 -5.21 14.86
CA HIS A 102 -7.06 -3.86 14.77
C HIS A 102 -5.54 -3.88 14.70
N GLU A 103 -4.91 -4.77 15.47
CA GLU A 103 -3.45 -4.88 15.40
C GLU A 103 -3.00 -5.43 14.05
N LEU A 104 -3.78 -6.33 13.46
CA LEU A 104 -3.46 -6.80 12.12
C LEU A 104 -3.43 -5.62 11.14
N ALA A 105 -4.45 -4.76 11.21
CA ALA A 105 -4.48 -3.58 10.34
C ALA A 105 -3.30 -2.65 10.60
N CYS A 106 -2.93 -2.47 11.88
CA CYS A 106 -1.82 -1.58 12.18
C CYS A 106 -0.50 -2.14 11.65
N GLN A 107 -0.28 -3.45 11.80
CA GLN A 107 0.98 -4.01 11.33
C GLN A 107 1.07 -3.91 9.82
N TYR A 108 -0.07 -4.08 9.14
CA TYR A 108 -0.11 -3.91 7.70
C TYR A 108 0.27 -2.48 7.31
N HIS A 109 -0.36 -1.49 7.96
CA HIS A 109 -0.04 -0.09 7.66
C HIS A 109 1.44 0.20 7.86
N ARG A 110 2.01 -0.28 8.97
CA ARG A 110 3.43 -0.06 9.22
C ARG A 110 4.31 -0.81 8.21
N PHE A 111 3.90 -2.01 7.78
CA PHE A 111 4.63 -2.71 6.73
C PHE A 111 4.80 -1.84 5.49
N VAL A 112 3.71 -1.23 5.02
CA VAL A 112 3.77 -0.42 3.81
C VAL A 112 4.70 0.78 4.02
N GLU A 113 4.70 1.36 5.22
CA GLU A 113 5.61 2.48 5.49
C GLU A 113 7.06 2.02 5.45
N LEU A 114 7.36 0.87 6.05
CA LEU A 114 8.73 0.37 6.11
C LEU A 114 9.26 0.04 4.73
N PHE A 115 8.47 -0.67 3.92
CA PHE A 115 8.97 -1.28 2.70
C PHE A 115 8.51 -0.60 1.42
N GLY A 116 7.47 0.23 1.46
CA GLY A 116 7.07 0.93 0.25
C GLY A 116 6.37 0.05 -0.77
N HIS A 117 5.69 -0.99 -0.32
CA HIS A 117 4.82 -1.79 -1.18
C HIS A 117 3.93 -2.63 -0.27
N GLU A 118 2.80 -3.06 -0.79
CA GLU A 118 1.99 -4.02 -0.07
C GLU A 118 2.76 -5.32 0.13
N PRO A 119 2.61 -5.99 1.26
CA PRO A 119 3.26 -7.30 1.39
C PRO A 119 2.70 -8.26 0.34
N THR A 120 3.57 -9.15 -0.18
CA THR A 120 3.07 -10.14 -1.13
C THR A 120 2.05 -11.08 -0.49
N HIS A 121 2.13 -11.26 0.82
CA HIS A 121 1.28 -12.22 1.52
C HIS A 121 1.43 -11.98 3.01
N ILE A 122 0.62 -12.70 3.79
CA ILE A 122 0.67 -12.70 5.25
C ILE A 122 0.91 -14.13 5.73
N ASP A 123 1.88 -14.30 6.63
CA ASP A 123 1.98 -15.50 7.47
C ASP A 123 2.12 -14.99 8.90
N SER A 124 2.60 -15.84 9.82
CA SER A 124 2.63 -15.39 11.22
C SER A 124 3.71 -16.08 12.03
N HIS A 125 4.29 -15.30 12.94
CA HIS A 125 5.17 -15.82 13.98
C HIS A 125 4.38 -16.81 14.83
N HIS A 126 4.97 -18.00 15.03
CA HIS A 126 4.40 -19.09 15.82
C HIS A 126 3.12 -19.65 15.19
N HIS A 127 2.83 -19.29 13.93
CA HIS A 127 1.68 -19.83 13.19
C HIS A 127 0.35 -19.47 13.86
N VAL A 128 0.31 -18.34 14.58
CA VAL A 128 -0.92 -17.98 15.27
C VAL A 128 -2.06 -17.68 14.29
N HIS A 129 -1.75 -17.19 13.08
CA HIS A 129 -2.83 -16.95 12.13
C HIS A 129 -3.58 -18.23 11.74
N MET A 130 -3.07 -19.41 12.05
CA MET A 130 -3.77 -20.67 11.80
C MET A 130 -4.70 -21.09 12.94
N PHE A 131 -4.72 -20.36 14.05
CA PHE A 131 -5.73 -20.60 15.09
C PHE A 131 -7.11 -20.48 14.48
N ALA A 132 -8.03 -21.35 14.92
CA ALA A 132 -9.36 -21.41 14.31
C ALA A 132 -10.11 -20.07 14.34
N GLN A 133 -9.93 -19.27 15.39
CA GLN A 133 -10.67 -18.02 15.47
C GLN A 133 -9.92 -16.82 14.88
N ILE A 134 -8.62 -16.95 14.63
CA ILE A 134 -7.85 -15.88 14.00
C ILE A 134 -7.78 -16.04 12.48
N TYR A 135 -7.74 -17.28 12.00
CA TYR A 135 -7.62 -17.55 10.57
C TYR A 135 -8.65 -16.85 9.70
N PRO A 136 -9.95 -16.88 10.00
CA PRO A 136 -10.90 -16.23 9.08
C PRO A 136 -10.75 -14.73 9.07
N ILE A 137 -10.26 -14.15 10.16
CA ILE A 137 -10.03 -12.71 10.23
C ILE A 137 -8.86 -12.33 9.32
N VAL A 138 -7.75 -13.05 9.45
CA VAL A 138 -6.56 -12.77 8.66
C VAL A 138 -6.81 -13.06 7.19
N ALA A 139 -7.48 -14.17 6.89
CA ALA A 139 -7.74 -14.48 5.47
C ALA A 139 -8.68 -13.45 4.84
N ALA A 140 -9.73 -13.04 5.55
CA ALA A 140 -10.61 -12.02 4.99
C ALA A 140 -9.83 -10.74 4.72
N PHE A 141 -8.88 -10.44 5.60
CA PHE A 141 -8.04 -9.27 5.43
C PHE A 141 -7.19 -9.39 4.16
N ALA A 142 -6.53 -10.54 3.98
CA ALA A 142 -5.70 -10.74 2.80
C ALA A 142 -6.55 -10.65 1.53
N ARG A 143 -7.68 -11.35 1.52
CA ARG A 143 -8.61 -11.28 0.39
C ARG A 143 -9.00 -9.83 0.13
N GLU A 144 -9.36 -9.10 1.19
CA GLU A 144 -9.74 -7.69 1.07
C GLU A 144 -8.63 -6.87 0.42
N LYS A 145 -7.38 -7.13 0.79
CA LYS A 145 -6.25 -6.38 0.25
C LYS A 145 -5.73 -6.95 -1.05
N GLY A 146 -6.25 -8.08 -1.52
CA GLY A 146 -5.81 -8.67 -2.77
C GLY A 146 -4.47 -9.38 -2.72
N ILE A 147 -4.04 -9.85 -1.55
CA ILE A 147 -2.75 -10.51 -1.41
C ILE A 147 -2.95 -11.95 -0.94
N ALA A 148 -1.87 -12.69 -0.82
CA ALA A 148 -1.96 -14.13 -0.54
C ALA A 148 -1.78 -14.41 0.96
N LEU A 149 -1.92 -15.69 1.32
CA LEU A 149 -1.84 -16.16 2.69
C LEU A 149 -1.08 -17.48 2.72
N ARG A 150 -0.19 -17.66 3.70
CA ARG A 150 0.35 -18.99 3.97
C ARG A 150 -0.76 -19.85 4.57
N ILE A 151 -1.04 -20.99 3.97
CA ILE A 151 -2.10 -21.88 4.44
C ILE A 151 -1.50 -23.25 4.69
N ASP A 152 -1.37 -23.61 5.95
CA ASP A 152 -1.01 -24.96 6.36
C ASP A 152 -2.26 -25.81 6.16
N ARG A 153 -2.29 -26.59 5.07
CA ARG A 153 -3.53 -27.23 4.66
C ARG A 153 -3.91 -28.38 5.59
N GLN A 154 -2.93 -29.00 6.26
CA GLN A 154 -3.25 -30.05 7.22
C GLN A 154 -3.87 -29.47 8.48
N VAL A 155 -3.32 -28.35 8.98
CA VAL A 155 -3.91 -27.67 10.13
C VAL A 155 -5.31 -27.17 9.80
N ALA A 156 -5.49 -26.57 8.62
CA ALA A 156 -6.81 -26.12 8.22
C ALA A 156 -7.81 -27.28 8.21
N ALA A 157 -7.41 -28.41 7.65
CA ALA A 157 -8.31 -29.54 7.54
C ALA A 157 -8.66 -30.12 8.91
N GLN A 158 -7.70 -30.14 9.83
CA GLN A 158 -7.95 -30.59 11.20
C GLN A 158 -8.91 -29.65 11.94
N SER A 159 -9.00 -28.38 11.54
CA SER A 159 -9.80 -27.39 12.25
C SER A 159 -11.03 -26.94 11.48
N GLY A 160 -11.42 -27.66 10.42
CA GLY A 160 -12.57 -27.27 9.64
C GLY A 160 -12.46 -25.92 8.97
N LEU A 161 -11.26 -25.44 8.72
CA LEU A 161 -11.08 -24.13 8.12
C LEU A 161 -11.20 -24.19 6.60
N ASP A 162 -11.56 -23.03 6.01
CA ASP A 162 -11.81 -22.94 4.58
C ASP A 162 -10.49 -22.92 3.82
N GLN A 163 -10.24 -23.94 3.00
CA GLN A 163 -9.01 -24.00 2.24
C GLN A 163 -8.92 -22.89 1.20
N GLN A 164 -10.05 -22.31 0.81
CA GLN A 164 -10.07 -21.25 -0.20
C GLN A 164 -10.30 -19.87 0.40
N ALA A 165 -10.12 -19.73 1.72
CA ALA A 165 -10.36 -18.45 2.38
C ALA A 165 -9.50 -17.34 1.77
N ALA A 166 -8.37 -17.68 1.14
CA ALA A 166 -7.55 -16.69 0.48
C ALA A 166 -6.64 -17.40 -0.50
N ARG A 167 -6.04 -16.62 -1.41
CA ARG A 167 -5.12 -17.19 -2.38
C ARG A 167 -3.86 -17.68 -1.67
N SER A 168 -3.35 -18.83 -2.10
CA SER A 168 -2.15 -19.41 -1.50
C SER A 168 -1.49 -20.39 -2.46
N SER A 169 -0.30 -20.85 -2.10
CA SER A 169 0.32 -21.99 -2.76
C SER A 169 -0.54 -23.24 -2.57
N ALA A 170 -0.31 -24.24 -3.42
CA ALA A 170 -1.10 -25.47 -3.31
C ALA A 170 -0.80 -26.20 -2.02
N GLY A 171 0.44 -26.08 -1.52
CA GLY A 171 0.82 -26.71 -0.27
C GLY A 171 1.85 -25.86 0.43
N PHE A 172 2.03 -26.17 1.70
CA PHE A 172 3.01 -25.51 2.56
C PHE A 172 3.74 -26.59 3.34
N SER A 173 5.06 -26.42 3.54
CA SER A 173 5.84 -27.36 4.34
C SER A 173 6.60 -26.64 5.45
N SER A 174 6.44 -27.13 6.68
CA SER A 174 7.24 -26.65 7.81
C SER A 174 8.30 -27.67 8.24
N GLU A 175 8.63 -28.63 7.37
CA GLU A 175 9.51 -29.74 7.73
C GLU A 175 10.99 -29.44 7.53
N PHE A 176 11.36 -28.30 6.95
CA PHE A 176 12.76 -27.95 6.79
C PHE A 176 13.18 -27.16 8.04
N TYR A 177 13.58 -27.90 9.08
CA TYR A 177 14.13 -27.33 10.30
C TYR A 177 14.80 -28.44 11.09
N GLY A 178 15.52 -28.05 12.12
CA GLY A 178 16.07 -29.00 13.08
C GLY A 178 17.58 -29.00 13.04
N GLU A 179 18.16 -29.84 13.90
CA GLU A 179 19.61 -29.95 13.91
C GLU A 179 20.09 -30.70 12.67
N ALA A 180 19.34 -31.69 12.23
CA ALA A 180 19.69 -32.50 11.07
C ALA A 180 19.24 -31.89 9.76
N VAL A 181 19.29 -30.57 9.59
CA VAL A 181 18.93 -30.01 8.29
C VAL A 181 19.95 -30.41 7.26
N SER A 182 19.48 -30.68 6.04
CA SER A 182 20.35 -31.16 4.99
C SER A 182 19.71 -30.86 3.64
N GLU A 183 20.48 -31.06 2.58
CA GLU A 183 19.87 -31.00 1.25
C GLU A 183 18.83 -32.10 1.10
N GLU A 184 19.12 -33.29 1.64
CA GLU A 184 18.17 -34.40 1.56
C GLU A 184 16.82 -34.01 2.10
N LEU A 185 16.81 -33.45 3.33
CA LEU A 185 15.57 -33.06 3.98
C LEU A 185 14.78 -32.08 3.13
N PHE A 186 15.44 -31.05 2.59
CA PHE A 186 14.77 -30.07 1.75
C PHE A 186 14.11 -30.75 0.55
N LEU A 187 14.86 -31.65 -0.12
CA LEU A 187 14.33 -32.29 -1.31
C LEU A 187 13.21 -33.27 -0.96
N GLN A 188 13.24 -33.90 0.22
CA GLN A 188 12.13 -34.75 0.62
C GLN A 188 10.82 -33.98 0.73
N THR A 189 10.84 -32.70 1.18
CA THR A 189 9.59 -31.94 1.19
C THR A 189 9.10 -31.67 -0.24
N LEU A 190 10.02 -31.42 -1.17
CA LEU A 190 9.63 -31.25 -2.57
C LEU A 190 8.98 -32.51 -3.12
N ASP A 191 9.64 -33.65 -2.98
CA ASP A 191 9.13 -34.87 -3.58
C ASP A 191 7.81 -35.30 -2.93
N ALA A 192 7.63 -34.97 -1.65
CA ALA A 192 6.37 -35.24 -0.97
C ALA A 192 5.25 -34.36 -1.50
N SER A 193 5.55 -33.07 -1.76
CA SER A 193 4.58 -32.18 -2.36
C SER A 193 4.18 -32.65 -3.75
N ILE A 194 5.18 -33.04 -4.56
CA ILE A 194 4.91 -33.48 -5.93
C ILE A 194 3.95 -34.68 -5.92
N ALA A 195 4.22 -35.66 -5.05
CA ALA A 195 3.37 -36.85 -4.98
C ALA A 195 1.95 -36.50 -4.58
N ARG A 196 1.76 -35.47 -3.74
CA ARG A 196 0.44 -34.95 -3.43
C ARG A 196 -0.20 -34.23 -4.62
N GLY A 197 0.50 -34.10 -5.73
CA GLY A 197 -0.07 -33.46 -6.90
C GLY A 197 -0.12 -31.96 -6.84
N GLU A 198 0.83 -31.33 -6.15
CA GLU A 198 0.80 -29.90 -5.92
C GLU A 198 1.65 -29.17 -6.96
N ARG A 199 1.05 -28.16 -7.61
CA ARG A 199 1.74 -27.38 -8.63
C ARG A 199 2.55 -26.23 -8.04
N SER A 200 2.31 -25.87 -6.79
CA SER A 200 3.17 -24.91 -6.11
C SER A 200 3.33 -25.34 -4.66
N LEU A 201 4.41 -24.89 -4.04
CA LEU A 201 4.75 -25.21 -2.67
C LEU A 201 5.49 -24.03 -2.04
N GLU A 202 5.11 -23.64 -0.83
CA GLU A 202 5.93 -22.74 -0.02
C GLU A 202 6.70 -23.55 1.02
N VAL A 203 8.02 -23.37 1.07
CA VAL A 203 8.87 -24.03 2.05
C VAL A 203 9.39 -23.00 3.04
N MET A 204 9.03 -23.16 4.32
CA MET A 204 9.51 -22.27 5.37
C MET A 204 10.99 -22.55 5.68
N CYS A 205 11.73 -21.50 6.04
CA CYS A 205 13.09 -21.69 6.50
C CYS A 205 13.50 -20.53 7.40
N HIS A 206 14.65 -20.69 8.06
CA HIS A 206 15.15 -19.71 9.03
C HIS A 206 16.66 -19.52 8.91
N PRO A 207 17.17 -19.07 7.76
CA PRO A 207 18.62 -18.85 7.66
C PRO A 207 19.06 -17.60 8.42
N ALA A 208 20.26 -17.65 9.01
CA ALA A 208 20.77 -16.50 9.75
C ALA A 208 22.27 -16.65 9.95
N TYR A 209 22.96 -15.51 10.07
CA TYR A 209 24.23 -15.49 10.78
C TYR A 209 23.93 -15.28 12.26
N VAL A 210 24.80 -15.81 13.11
CA VAL A 210 24.54 -15.82 14.54
C VAL A 210 24.98 -14.48 15.12
N ASP A 211 24.10 -13.86 15.93
CA ASP A 211 24.42 -12.72 16.78
C ASP A 211 23.86 -12.99 18.19
N ARG A 212 24.00 -12.01 19.10
CA ARG A 212 23.63 -12.30 20.48
C ARG A 212 22.12 -12.44 20.65
N ILE A 213 21.33 -11.88 19.74
CA ILE A 213 19.90 -12.14 19.76
C ILE A 213 19.60 -13.59 19.38
N ILE A 214 20.18 -14.06 18.27
CA ILE A 214 20.00 -15.46 17.88
C ILE A 214 20.53 -16.40 18.96
N MET A 215 21.64 -16.03 19.61
CA MET A 215 22.17 -16.88 20.67
C MET A 215 21.20 -17.02 21.84
N GLY A 216 20.26 -16.08 21.98
CA GLY A 216 19.21 -16.21 22.97
C GLY A 216 18.07 -17.12 22.60
N SER A 217 18.10 -17.71 21.41
CA SER A 217 17.05 -18.60 20.95
C SER A 217 17.46 -20.05 21.15
N ALA A 218 16.48 -20.93 21.37
CA ALA A 218 16.79 -22.35 21.46
C ALA A 218 17.22 -22.89 20.11
N TYR A 219 16.75 -22.28 19.03
CA TYR A 219 17.12 -22.63 17.66
C TYR A 219 18.14 -21.59 17.20
N CYS A 220 19.42 -21.89 17.41
CA CYS A 220 20.47 -20.94 17.06
C CYS A 220 21.36 -21.48 15.92
N TYR A 221 22.29 -22.38 16.25
CA TYR A 221 23.32 -22.74 15.27
C TYR A 221 22.79 -23.50 14.06
N PRO A 222 21.68 -24.29 14.16
CA PRO A 222 21.06 -24.84 12.94
C PRO A 222 20.75 -23.80 11.87
N ARG A 223 20.55 -22.54 12.25
CA ARG A 223 20.29 -21.52 11.23
C ARG A 223 21.47 -21.37 10.27
N LEU A 224 22.68 -21.60 10.79
CA LEU A 224 23.86 -21.58 9.93
C LEU A 224 23.83 -22.73 8.94
N ASP A 225 23.43 -23.91 9.42
CA ASP A 225 23.30 -25.08 8.54
C ASP A 225 22.22 -24.87 7.49
N GLU A 226 21.10 -24.24 7.86
CA GLU A 226 20.07 -23.90 6.88
C GLU A 226 20.63 -22.97 5.81
N LEU A 227 21.31 -21.90 6.23
CA LEU A 227 21.96 -21.01 5.28
C LEU A 227 22.89 -21.77 4.33
N ASP A 228 23.68 -22.71 4.87
CA ASP A 228 24.59 -23.51 4.03
C ASP A 228 23.83 -24.34 3.00
N VAL A 229 22.77 -25.03 3.44
CA VAL A 229 22.00 -25.86 2.52
C VAL A 229 21.41 -24.99 1.42
N LEU A 230 20.79 -23.87 1.79
CA LEU A 230 20.05 -23.04 0.86
C LEU A 230 20.95 -22.36 -0.17
N THR A 231 22.24 -22.17 0.12
CA THR A 231 23.14 -21.50 -0.82
C THR A 231 24.05 -22.47 -1.59
N ALA A 232 23.91 -23.78 -1.38
CA ALA A 232 24.73 -24.75 -2.13
C ALA A 232 24.30 -24.81 -3.59
N ALA A 233 25.28 -24.86 -4.50
CA ALA A 233 24.98 -24.97 -5.92
C ALA A 233 24.18 -26.22 -6.22
N SER A 234 24.44 -27.31 -5.50
CA SER A 234 23.72 -28.55 -5.76
C SER A 234 22.22 -28.35 -5.64
N LEU A 235 21.78 -27.51 -4.70
CA LEU A 235 20.35 -27.39 -4.42
C LEU A 235 19.60 -26.74 -5.57
N LYS A 236 20.17 -25.69 -6.17
CA LYS A 236 19.52 -25.05 -7.32
C LYS A 236 19.35 -26.05 -8.46
N ALA A 237 20.36 -26.90 -8.67
CA ALA A 237 20.24 -27.90 -9.74
C ALA A 237 19.13 -28.87 -9.44
N ALA A 238 19.02 -29.32 -8.18
CA ALA A 238 17.99 -30.29 -7.82
C ALA A 238 16.60 -29.69 -7.92
N VAL A 239 16.46 -28.40 -7.59
CA VAL A 239 15.19 -27.71 -7.78
C VAL A 239 14.82 -27.68 -9.26
N ALA A 240 15.76 -27.22 -10.09
CA ALA A 240 15.50 -27.16 -11.53
C ALA A 240 15.17 -28.55 -12.07
N ASP A 241 15.95 -29.55 -11.64
CA ASP A 241 15.77 -30.95 -12.04
C ASP A 241 14.31 -31.40 -11.87
N ARG A 242 13.60 -30.83 -10.90
CA ARG A 242 12.25 -31.26 -10.58
C ARG A 242 11.19 -30.42 -11.28
N GLY A 243 11.59 -29.60 -12.24
CA GLY A 243 10.63 -28.81 -12.98
C GLY A 243 10.08 -27.62 -12.23
N TYR A 244 10.74 -27.19 -11.15
CA TYR A 244 10.32 -26.04 -10.36
C TYR A 244 10.93 -24.76 -10.91
N ARG A 245 10.10 -23.72 -11.00
CA ARG A 245 10.56 -22.35 -11.19
C ARG A 245 10.62 -21.67 -9.83
N LEU A 246 11.75 -21.05 -9.50
CA LEU A 246 11.81 -20.30 -8.25
C LEU A 246 10.89 -19.08 -8.32
N GLY A 247 10.00 -18.97 -7.33
CA GLY A 247 8.98 -17.94 -7.41
C GLY A 247 8.54 -17.37 -6.09
N THR A 248 7.48 -16.56 -6.12
CA THR A 248 7.01 -15.83 -4.94
C THR A 248 5.50 -15.95 -4.85
N TYR A 249 4.94 -15.45 -3.75
CA TYR A 249 3.48 -15.47 -3.63
C TYR A 249 2.79 -14.57 -4.66
N ARG A 250 3.54 -13.69 -5.34
CA ARG A 250 2.95 -12.92 -6.44
C ARG A 250 2.52 -13.84 -7.58
N ASP A 251 3.20 -14.95 -7.78
CA ASP A 251 2.84 -15.91 -8.83
C ASP A 251 1.56 -16.68 -8.51
N VAL A 252 0.96 -16.51 -7.34
CA VAL A 252 -0.23 -17.27 -7.00
C VAL A 252 -1.52 -16.45 -7.15
N GLU B 2 -19.25 19.58 12.40
CA GLU B 2 -20.58 19.43 11.82
C GLU B 2 -20.50 19.15 10.31
N ARG B 3 -19.92 20.08 9.55
CA ARG B 3 -19.58 19.85 8.15
C ARG B 3 -18.06 19.64 8.03
N VAL B 4 -17.66 18.90 7.00
CA VAL B 4 -16.26 18.60 6.74
C VAL B 4 -15.84 19.29 5.45
N LEU B 5 -14.73 20.02 5.49
CA LEU B 5 -14.18 20.69 4.32
C LEU B 5 -12.82 20.08 3.99
N ILE B 6 -12.69 19.50 2.81
CA ILE B 6 -11.41 19.02 2.31
C ILE B 6 -10.89 20.05 1.31
N VAL B 7 -9.71 20.60 1.55
CA VAL B 7 -9.13 21.54 0.60
C VAL B 7 -7.95 20.82 -0.05
N ASN B 8 -8.11 20.42 -1.29
CA ASN B 8 -7.12 19.57 -1.95
C ASN B 8 -6.32 20.34 -3.00
N ALA B 9 -5.01 20.47 -2.79
CA ALA B 9 -4.11 21.04 -3.78
C ALA B 9 -3.72 19.96 -4.78
N ASP B 10 -4.12 20.13 -6.04
CA ASP B 10 -3.70 19.25 -7.11
C ASP B 10 -2.24 19.51 -7.47
N ASP B 11 -1.65 18.57 -8.22
CA ASP B 11 -0.35 18.68 -8.91
C ASP B 11 0.87 18.53 -8.01
N PHE B 12 0.73 17.93 -6.81
CA PHE B 12 1.91 17.60 -6.01
C PHE B 12 2.88 16.77 -6.87
N GLY B 13 4.15 17.17 -6.88
CA GLY B 13 5.16 16.58 -7.76
C GLY B 13 5.35 17.25 -9.11
N LEU B 14 4.52 18.25 -9.45
CA LEU B 14 4.66 18.95 -10.73
C LEU B 14 6.02 19.64 -10.82
N SER B 15 6.42 20.33 -9.77
CA SER B 15 7.67 21.06 -9.73
C SER B 15 7.98 21.36 -8.27
N LYS B 16 9.23 21.74 -8.01
CA LYS B 16 9.62 22.08 -6.66
C LYS B 16 8.85 23.30 -6.15
N GLY B 17 8.56 24.25 -7.03
CA GLY B 17 7.79 25.40 -6.62
C GLY B 17 6.36 25.03 -6.25
N GLN B 18 5.76 24.11 -7.02
CA GLN B 18 4.45 23.62 -6.63
C GLN B 18 4.50 22.91 -5.28
N ASN B 19 5.54 22.08 -5.08
CA ASN B 19 5.65 21.33 -3.84
C ASN B 19 5.72 22.24 -2.63
N TYR B 20 6.56 23.29 -2.70
CA TYR B 20 6.69 24.19 -1.56
C TYR B 20 5.44 25.04 -1.38
N GLY B 21 4.74 25.36 -2.47
CA GLY B 21 3.50 26.12 -2.32
C GLY B 21 2.44 25.29 -1.62
N ILE B 22 2.38 24.01 -1.96
CA ILE B 22 1.43 23.11 -1.31
C ILE B 22 1.79 22.93 0.15
N ILE B 23 3.08 22.72 0.44
CA ILE B 23 3.52 22.55 1.82
C ILE B 23 3.20 23.79 2.64
N GLU B 24 3.43 24.98 2.06
CA GLU B 24 3.13 26.24 2.75
C GLU B 24 1.64 26.41 2.99
N ALA B 25 0.80 26.03 2.01
CA ALA B 25 -0.64 26.17 2.17
C ALA B 25 -1.19 25.24 3.23
N CYS B 26 -0.50 24.13 3.48
CA CYS B 26 -0.91 23.21 4.53
C CYS B 26 -0.43 23.71 5.89
N ARG B 27 0.88 23.92 6.04
CA ARG B 27 1.45 24.31 7.34
C ARG B 27 0.90 25.64 7.81
N ASN B 28 0.72 26.60 6.91
CA ASN B 28 0.31 27.94 7.28
C ASN B 28 -1.03 28.36 6.67
N GLY B 29 -1.84 27.42 6.20
CA GLY B 29 -3.12 27.75 5.60
C GLY B 29 -4.14 26.65 5.79
N VAL B 30 -5.14 26.63 4.89
CA VAL B 30 -6.28 25.71 5.03
C VAL B 30 -6.13 24.45 4.20
N VAL B 31 -5.07 24.28 3.43
CA VAL B 31 -4.92 23.06 2.61
C VAL B 31 -4.74 21.87 3.53
N THR B 32 -5.58 20.84 3.37
CA THR B 32 -5.52 19.63 4.19
C THR B 32 -5.11 18.38 3.41
N SER B 33 -5.05 18.47 2.09
CA SER B 33 -4.97 17.31 1.22
C SER B 33 -4.27 17.72 -0.06
N THR B 34 -3.58 16.77 -0.68
CA THR B 34 -2.94 17.04 -1.96
C THR B 34 -2.94 15.76 -2.79
N THR B 35 -2.90 15.90 -4.12
CA THR B 35 -2.88 14.75 -5.00
C THR B 35 -1.65 14.82 -5.90
N ALA B 36 -0.96 13.68 -6.03
CA ALA B 36 0.41 13.63 -6.54
C ALA B 36 0.46 13.03 -7.95
N LEU B 37 1.18 13.71 -8.84
CA LEU B 37 1.53 13.18 -10.15
C LEU B 37 2.75 12.26 -10.01
N VAL B 38 2.55 10.95 -10.11
CA VAL B 38 3.66 10.05 -9.78
C VAL B 38 4.73 10.02 -10.85
N ASN B 39 4.46 10.57 -12.04
CA ASN B 39 5.47 10.78 -13.06
C ASN B 39 5.99 12.22 -13.08
N GLY B 40 5.71 12.99 -12.02
CA GLY B 40 6.08 14.39 -12.04
C GLY B 40 7.57 14.61 -11.99
N ALA B 41 8.00 15.73 -12.59
CA ALA B 41 9.43 16.04 -12.62
C ALA B 41 10.00 16.20 -11.20
N ALA B 42 9.19 16.63 -10.24
CA ALA B 42 9.65 16.79 -8.87
C ALA B 42 8.91 15.86 -7.92
N ILE B 43 8.61 14.62 -8.35
CA ILE B 43 7.84 13.70 -7.51
C ILE B 43 8.68 13.20 -6.33
N ASP B 44 9.97 12.93 -6.54
CA ASP B 44 10.80 12.50 -5.42
C ASP B 44 10.93 13.62 -4.38
N HIS B 45 11.10 14.87 -4.84
CA HIS B 45 11.08 16.03 -3.94
C HIS B 45 9.77 16.10 -3.17
N ALA B 46 8.66 15.78 -3.83
CA ALA B 46 7.36 15.77 -3.16
C ALA B 46 7.30 14.72 -2.05
N ALA B 47 7.74 13.50 -2.33
CA ALA B 47 7.64 12.44 -1.31
C ALA B 47 8.54 12.76 -0.11
N GLN B 48 9.68 13.38 -0.37
CA GLN B 48 10.54 13.88 0.70
C GLN B 48 9.79 14.87 1.59
N LEU B 49 9.12 15.84 0.97
CA LEU B 49 8.31 16.78 1.73
C LEU B 49 7.13 16.09 2.42
N GLY B 50 6.53 15.10 1.75
CA GLY B 50 5.42 14.40 2.37
C GLY B 50 5.83 13.62 3.61
N ARG B 51 7.03 13.06 3.60
CA ARG B 51 7.53 12.34 4.77
C ARG B 51 7.62 13.24 6.00
N SER B 52 8.08 14.48 5.82
CA SER B 52 8.27 15.38 6.93
C SER B 52 7.04 16.22 7.23
N THR B 53 5.90 15.92 6.58
CA THR B 53 4.67 16.68 6.76
C THR B 53 3.50 15.71 6.91
N PRO B 54 3.44 15.00 8.04
CA PRO B 54 2.37 14.00 8.20
C PRO B 54 1.00 14.61 8.35
N GLU B 55 0.89 15.90 8.67
CA GLU B 55 -0.39 16.59 8.71
C GLU B 55 -0.94 16.91 7.33
N LEU B 56 -0.29 16.45 6.27
CA LEU B 56 -0.79 16.57 4.91
C LEU B 56 -1.21 15.19 4.43
N ALA B 57 -2.50 15.02 4.17
CA ALA B 57 -2.97 13.80 3.49
C ALA B 57 -2.58 13.86 2.02
N VAL B 58 -2.21 12.71 1.43
CA VAL B 58 -1.78 12.65 0.04
C VAL B 58 -2.59 11.60 -0.69
N GLY B 59 -3.25 12.01 -1.78
CA GLY B 59 -3.90 11.11 -2.71
C GLY B 59 -3.17 11.07 -4.05
N MET B 60 -3.73 10.29 -4.98
CA MET B 60 -3.08 10.06 -6.26
C MET B 60 -3.74 10.86 -7.37
N HIS B 61 -2.96 11.71 -8.03
CA HIS B 61 -3.41 12.49 -9.19
C HIS B 61 -3.18 11.68 -10.47
N PHE B 62 -4.13 10.79 -10.77
CA PHE B 62 -4.07 9.98 -11.99
C PHE B 62 -3.88 10.88 -13.20
N VAL B 63 -2.86 10.59 -14.02
CA VAL B 63 -2.54 11.47 -15.15
C VAL B 63 -2.48 10.65 -16.43
N LEU B 64 -3.20 11.12 -17.45
CA LEU B 64 -3.15 10.56 -18.80
C LEU B 64 -2.87 11.62 -19.85
N THR B 65 -2.53 12.85 -19.45
CA THR B 65 -2.44 13.96 -20.41
C THR B 65 -1.21 14.84 -20.24
N LEU B 66 -0.27 14.52 -19.36
CA LEU B 66 0.88 15.41 -19.23
C LEU B 66 2.21 14.72 -19.55
N GLY B 67 2.76 13.95 -18.62
CA GLY B 67 4.13 13.47 -18.76
C GLY B 67 4.27 12.30 -19.72
N GLU B 68 5.22 11.43 -19.38
CA GLU B 68 5.29 10.12 -20.01
C GLU B 68 4.61 9.10 -19.10
N PRO B 69 3.89 8.13 -19.67
CA PRO B 69 3.25 7.11 -18.83
C PRO B 69 4.27 6.19 -18.21
N LEU B 70 3.83 5.49 -17.16
CA LEU B 70 4.71 4.50 -16.54
C LEU B 70 4.80 3.25 -17.39
N SER B 71 3.67 2.82 -17.95
CA SER B 71 3.56 1.68 -18.84
C SER B 71 3.47 2.15 -20.28
N ALA B 72 3.77 1.24 -21.21
CA ALA B 72 3.64 1.56 -22.63
C ALA B 72 2.17 1.67 -23.00
N MET B 73 1.79 2.78 -23.63
CA MET B 73 0.42 3.02 -24.06
C MET B 73 0.43 3.42 -25.53
N PRO B 74 0.68 2.48 -26.43
CA PRO B 74 0.65 2.81 -27.86
C PRO B 74 -0.67 3.37 -28.31
N GLY B 75 -1.77 2.94 -27.68
CA GLY B 75 -3.05 3.50 -28.04
C GLY B 75 -3.31 4.92 -27.58
N LEU B 76 -2.36 5.56 -26.89
CA LEU B 76 -2.61 6.87 -26.30
C LEU B 76 -1.49 7.88 -26.57
N THR B 77 -0.24 7.44 -26.60
CA THR B 77 0.88 8.37 -26.68
C THR B 77 1.21 8.76 -28.11
N ARG B 78 1.73 9.97 -28.25
CA ARG B 78 2.28 10.49 -29.49
C ARG B 78 3.74 10.82 -29.22
N ASP B 79 4.64 10.03 -29.79
CA ASP B 79 6.08 10.15 -29.54
C ASP B 79 6.41 9.95 -28.05
N GLY B 80 5.76 8.96 -27.44
CA GLY B 80 6.01 8.63 -26.05
C GLY B 80 5.46 9.60 -25.02
N ARG B 81 4.82 10.68 -25.45
CA ARG B 81 4.28 11.68 -24.52
C ARG B 81 2.76 11.63 -24.52
N LEU B 82 2.19 11.93 -23.36
CA LEU B 82 0.75 12.08 -23.20
C LEU B 82 0.34 13.50 -23.59
N GLY B 83 -0.96 13.70 -23.79
CA GLY B 83 -1.43 15.01 -24.21
C GLY B 83 -2.93 15.06 -24.22
N LYS B 84 -3.45 16.27 -24.40
CA LYS B 84 -4.87 16.50 -24.26
C LYS B 84 -5.68 16.07 -25.48
N TRP B 85 -5.06 15.39 -26.45
CA TRP B 85 -5.84 14.82 -27.54
C TRP B 85 -6.75 13.69 -27.07
N ILE B 86 -6.63 13.25 -25.82
CA ILE B 86 -7.51 12.22 -25.28
C ILE B 86 -8.97 12.68 -25.27
N TRP B 87 -9.22 14.00 -25.30
CA TRP B 87 -10.58 14.52 -25.28
C TRP B 87 -11.29 14.23 -26.59
N GLN B 88 -10.56 14.32 -27.71
CA GLN B 88 -11.09 13.86 -28.98
C GLN B 88 -11.34 12.37 -28.96
N GLN B 89 -10.37 11.59 -28.43
CA GLN B 89 -10.51 10.15 -28.39
C GLN B 89 -11.70 9.70 -27.57
N ALA B 90 -12.08 10.48 -26.55
CA ALA B 90 -13.24 10.13 -25.74
C ALA B 90 -14.54 10.33 -26.50
N GLU B 91 -14.58 11.30 -27.42
CA GLU B 91 -15.79 11.50 -28.21
C GLU B 91 -15.84 10.54 -29.39
N GLU B 92 -14.68 10.25 -29.99
CA GLU B 92 -14.59 9.23 -31.03
C GLU B 92 -14.78 7.82 -30.50
N ASP B 93 -14.76 7.65 -29.17
CA ASP B 93 -14.83 6.33 -28.54
C ASP B 93 -13.75 5.40 -29.06
N SER B 94 -12.52 5.89 -29.07
CA SER B 94 -11.35 5.07 -29.41
C SER B 94 -10.33 5.09 -28.28
N LEU B 95 -10.82 5.06 -27.02
CA LEU B 95 -9.92 5.01 -25.87
C LEU B 95 -9.44 3.58 -25.65
N PRO B 96 -8.14 3.38 -25.42
CA PRO B 96 -7.67 2.02 -25.08
C PRO B 96 -7.89 1.75 -23.61
N LEU B 97 -9.06 1.19 -23.27
CA LEU B 97 -9.48 1.13 -21.88
C LEU B 97 -8.63 0.14 -21.09
N GLU B 98 -8.19 -0.95 -21.72
CA GLU B 98 -7.27 -1.88 -21.05
C GLU B 98 -5.96 -1.20 -20.68
N GLU B 99 -5.41 -0.39 -21.59
CA GLU B 99 -4.19 0.35 -21.29
C GLU B 99 -4.43 1.38 -20.20
N ILE B 100 -5.64 1.92 -20.11
CA ILE B 100 -5.93 2.90 -19.07
C ILE B 100 -5.98 2.23 -17.72
N ALA B 101 -6.68 1.11 -17.62
CA ALA B 101 -6.77 0.40 -16.34
C ALA B 101 -5.42 -0.11 -15.88
N HIS B 102 -4.56 -0.51 -16.83
CA HIS B 102 -3.21 -0.95 -16.48
C HIS B 102 -2.37 0.22 -15.99
N GLU B 103 -2.38 1.35 -16.73
CA GLU B 103 -1.64 2.52 -16.28
C GLU B 103 -2.14 3.00 -14.92
N LEU B 104 -3.45 2.87 -14.65
CA LEU B 104 -3.98 3.17 -13.33
C LEU B 104 -3.29 2.35 -12.24
N ALA B 105 -3.22 1.04 -12.45
CA ALA B 105 -2.61 0.17 -11.46
C ALA B 105 -1.12 0.46 -11.32
N CYS B 106 -0.45 0.80 -12.43
CA CYS B 106 0.98 1.10 -12.39
C CYS B 106 1.25 2.37 -11.59
N GLN B 107 0.46 3.41 -11.81
CA GLN B 107 0.62 4.65 -11.06
C GLN B 107 0.32 4.41 -9.58
N TYR B 108 -0.67 3.56 -9.29
CA TYR B 108 -0.99 3.24 -7.89
C TYR B 108 0.21 2.59 -7.21
N HIS B 109 0.78 1.56 -7.85
CA HIS B 109 1.92 0.86 -7.26
C HIS B 109 3.08 1.80 -7.01
N ARG B 110 3.38 2.68 -7.98
CA ARG B 110 4.44 3.68 -7.81
C ARG B 110 4.12 4.67 -6.71
N PHE B 111 2.84 5.04 -6.58
CA PHE B 111 2.47 5.94 -5.48
C PHE B 111 2.86 5.33 -4.14
N VAL B 112 2.57 4.05 -3.96
CA VAL B 112 2.90 3.42 -2.68
C VAL B 112 4.40 3.44 -2.48
N GLU B 113 5.18 3.12 -3.53
CA GLU B 113 6.64 3.13 -3.42
C GLU B 113 7.15 4.50 -3.00
N LEU B 114 6.56 5.57 -3.55
CA LEU B 114 7.07 6.91 -3.29
C LEU B 114 6.73 7.36 -1.89
N PHE B 115 5.47 7.17 -1.48
CA PHE B 115 4.95 7.82 -0.28
C PHE B 115 4.84 6.93 0.95
N GLY B 116 4.96 5.61 0.79
CA GLY B 116 4.93 4.73 1.94
C GLY B 116 3.56 4.46 2.50
N HIS B 117 2.50 4.78 1.77
CA HIS B 117 1.16 4.45 2.22
C HIS B 117 0.22 4.45 1.02
N GLU B 118 -0.91 3.79 1.19
CA GLU B 118 -1.96 3.90 0.19
C GLU B 118 -2.42 5.35 0.09
N PRO B 119 -2.76 5.83 -1.11
CA PRO B 119 -3.34 7.17 -1.21
C PRO B 119 -4.68 7.21 -0.48
N THR B 120 -5.02 8.39 0.05
CA THR B 120 -6.34 8.53 0.66
C THR B 120 -7.44 8.43 -0.39
N HIS B 121 -7.16 8.82 -1.63
CA HIS B 121 -8.20 8.92 -2.66
C HIS B 121 -7.51 9.06 -4.01
N ILE B 122 -8.32 9.06 -5.07
CA ILE B 122 -7.88 9.29 -6.43
C ILE B 122 -8.65 10.49 -6.99
N ASP B 123 -7.95 11.43 -7.61
CA ASP B 123 -8.57 12.35 -8.56
C ASP B 123 -7.75 12.23 -9.85
N SER B 124 -7.90 13.19 -10.76
CA SER B 124 -7.14 13.08 -11.98
C SER B 124 -6.80 14.45 -12.55
N HIS B 125 -5.66 14.49 -13.24
CA HIS B 125 -5.26 15.66 -14.00
C HIS B 125 -6.24 15.88 -15.14
N HIS B 126 -6.69 17.13 -15.31
CA HIS B 126 -7.66 17.50 -16.34
C HIS B 126 -8.99 16.77 -16.19
N HIS B 127 -9.25 16.21 -15.01
CA HIS B 127 -10.52 15.54 -14.70
C HIS B 127 -10.86 14.43 -15.70
N VAL B 128 -9.84 13.76 -16.22
CA VAL B 128 -10.09 12.70 -17.21
C VAL B 128 -10.84 11.52 -16.58
N HIS B 129 -10.71 11.33 -15.26
CA HIS B 129 -11.42 10.23 -14.63
C HIS B 129 -12.92 10.44 -14.59
N MET B 130 -13.42 11.63 -14.92
CA MET B 130 -14.86 11.83 -14.99
C MET B 130 -15.43 11.58 -16.38
N PHE B 131 -14.58 11.30 -17.37
CA PHE B 131 -15.07 10.82 -18.67
C PHE B 131 -15.93 9.60 -18.45
N ALA B 132 -17.01 9.50 -19.24
CA ALA B 132 -18.01 8.45 -18.99
C ALA B 132 -17.41 7.06 -19.10
N GLN B 133 -16.45 6.87 -20.02
CA GLN B 133 -15.83 5.56 -20.21
C GLN B 133 -14.77 5.23 -19.18
N ILE B 134 -14.16 6.23 -18.55
CA ILE B 134 -13.04 6.02 -17.64
C ILE B 134 -13.53 5.94 -16.19
N TYR B 135 -14.56 6.72 -15.88
CA TYR B 135 -15.07 6.82 -14.51
C TYR B 135 -15.40 5.49 -13.86
N PRO B 136 -16.10 4.55 -14.51
CA PRO B 136 -16.41 3.31 -13.78
C PRO B 136 -15.17 2.48 -13.56
N ILE B 137 -14.18 2.58 -14.45
CA ILE B 137 -12.90 1.89 -14.23
C ILE B 137 -12.20 2.44 -12.99
N VAL B 138 -12.04 3.76 -12.91
CA VAL B 138 -11.31 4.35 -11.78
C VAL B 138 -12.08 4.15 -10.48
N ALA B 139 -13.40 4.38 -10.52
CA ALA B 139 -14.23 4.20 -9.33
C ALA B 139 -14.18 2.76 -8.82
N ALA B 140 -14.26 1.78 -9.73
CA ALA B 140 -14.15 0.40 -9.31
C ALA B 140 -12.79 0.12 -8.67
N PHE B 141 -11.74 0.76 -9.20
CA PHE B 141 -10.41 0.60 -8.64
C PHE B 141 -10.34 1.16 -7.22
N ALA B 142 -10.85 2.38 -7.03
CA ALA B 142 -10.86 2.99 -5.71
C ALA B 142 -11.68 2.16 -4.72
N ARG B 143 -12.86 1.72 -5.13
CA ARG B 143 -13.67 0.89 -4.25
C ARG B 143 -12.93 -0.39 -3.88
N GLU B 144 -12.31 -1.05 -4.87
CA GLU B 144 -11.51 -2.24 -4.62
C GLU B 144 -10.46 -2.00 -3.55
N LYS B 145 -9.69 -0.93 -3.69
CA LYS B 145 -8.65 -0.58 -2.72
C LYS B 145 -9.20 0.05 -1.45
N GLY B 146 -10.52 0.22 -1.35
CA GLY B 146 -11.10 0.83 -0.16
C GLY B 146 -10.75 2.28 0.07
N ILE B 147 -10.51 3.04 -1.01
CA ILE B 147 -10.18 4.45 -0.85
C ILE B 147 -11.26 5.28 -1.52
N ALA B 148 -11.14 6.61 -1.43
CA ALA B 148 -12.20 7.49 -1.90
C ALA B 148 -11.86 8.00 -3.31
N LEU B 149 -12.75 8.82 -3.83
CA LEU B 149 -12.66 9.30 -5.20
C LEU B 149 -13.22 10.70 -5.25
N ARG B 150 -12.54 11.61 -5.95
CA ARG B 150 -13.17 12.87 -6.31
C ARG B 150 -14.30 12.61 -7.28
N ILE B 151 -15.53 13.00 -6.92
CA ILE B 151 -16.70 12.87 -7.80
C ILE B 151 -17.29 14.26 -8.04
N ASP B 152 -17.19 14.74 -9.28
CA ASP B 152 -17.90 15.95 -9.71
C ASP B 152 -19.36 15.55 -9.96
N ARG B 153 -20.22 15.79 -8.96
CA ARG B 153 -21.57 15.22 -8.97
C ARG B 153 -22.42 15.79 -10.10
N GLN B 154 -22.22 17.06 -10.45
CA GLN B 154 -22.90 17.65 -11.58
C GLN B 154 -22.50 16.96 -12.88
N VAL B 155 -21.21 16.70 -13.06
CA VAL B 155 -20.77 15.97 -14.25
C VAL B 155 -21.27 14.53 -14.23
N ALA B 156 -21.25 13.87 -13.07
CA ALA B 156 -21.74 12.50 -13.01
C ALA B 156 -23.23 12.44 -13.39
N ALA B 157 -24.02 13.35 -12.83
CA ALA B 157 -25.45 13.36 -13.12
C ALA B 157 -25.71 13.63 -14.60
N GLN B 158 -25.01 14.62 -15.17
CA GLN B 158 -25.18 14.94 -16.58
C GLN B 158 -24.78 13.78 -17.50
N SER B 159 -23.96 12.84 -17.01
CA SER B 159 -23.47 11.73 -17.82
C SER B 159 -24.12 10.40 -17.48
N GLY B 160 -25.06 10.35 -16.54
CA GLY B 160 -25.70 9.09 -16.20
C GLY B 160 -24.84 8.15 -15.40
N LEU B 161 -23.81 8.66 -14.72
CA LEU B 161 -22.86 7.85 -13.97
C LEU B 161 -23.36 7.57 -12.56
N ASP B 162 -22.87 6.46 -12.00
CA ASP B 162 -23.27 5.97 -10.68
C ASP B 162 -22.67 6.86 -9.61
N GLN B 163 -23.51 7.65 -8.94
CA GLN B 163 -23.04 8.54 -7.87
C GLN B 163 -22.43 7.77 -6.70
N GLN B 164 -22.76 6.50 -6.54
CA GLN B 164 -22.27 5.70 -5.43
C GLN B 164 -21.22 4.68 -5.86
N ALA B 165 -20.59 4.89 -7.02
CA ALA B 165 -19.59 3.93 -7.49
C ALA B 165 -18.42 3.81 -6.50
N ALA B 166 -18.10 4.90 -5.79
CA ALA B 166 -17.02 4.88 -4.80
C ALA B 166 -17.36 5.88 -3.70
N ARG B 167 -16.64 5.78 -2.58
CA ARG B 167 -16.84 6.70 -1.46
C ARG B 167 -16.30 8.08 -1.80
N SER B 168 -17.03 9.13 -1.44
CA SER B 168 -16.58 10.49 -1.77
C SER B 168 -17.16 11.48 -0.77
N SER B 169 -16.83 12.75 -0.97
CA SER B 169 -17.50 13.83 -0.26
C SER B 169 -18.90 14.07 -0.82
N ALA B 170 -19.73 14.78 -0.04
CA ALA B 170 -21.08 15.11 -0.51
C ALA B 170 -21.05 15.96 -1.78
N GLY B 171 -20.06 16.84 -1.92
CA GLY B 171 -19.96 17.65 -3.13
C GLY B 171 -18.50 17.95 -3.44
N PHE B 172 -18.28 18.47 -4.64
CA PHE B 172 -16.95 18.85 -5.08
C PHE B 172 -17.06 20.15 -5.87
N SER B 173 -16.03 20.99 -5.80
CA SER B 173 -16.02 22.24 -6.54
C SER B 173 -14.68 22.48 -7.20
N SER B 174 -14.70 22.77 -8.50
CA SER B 174 -13.54 23.26 -9.24
C SER B 174 -13.63 24.75 -9.53
N GLU B 175 -14.50 25.48 -8.81
CA GLU B 175 -14.71 26.88 -9.12
C GLU B 175 -13.62 27.78 -8.55
N PHE B 176 -12.82 27.32 -7.58
CA PHE B 176 -11.74 28.16 -7.07
C PHE B 176 -10.56 28.01 -8.02
N TYR B 177 -10.53 28.88 -9.04
CA TYR B 177 -9.58 28.71 -10.14
C TYR B 177 -9.68 29.88 -11.11
N GLY B 178 -8.55 30.45 -11.49
CA GLY B 178 -8.53 31.47 -12.52
C GLY B 178 -7.95 32.77 -12.02
N GLU B 179 -7.98 33.77 -12.91
CA GLU B 179 -7.30 35.02 -12.60
C GLU B 179 -7.95 35.75 -11.43
N ALA B 180 -9.25 35.57 -11.24
CA ALA B 180 -9.97 36.28 -10.18
C ALA B 180 -10.04 35.52 -8.87
N VAL B 181 -9.09 34.63 -8.58
CA VAL B 181 -9.14 33.93 -7.31
C VAL B 181 -9.09 34.94 -6.18
N SER B 182 -9.86 34.67 -5.13
CA SER B 182 -10.05 35.62 -4.05
C SER B 182 -10.65 34.87 -2.87
N GLU B 183 -10.55 35.48 -1.68
CA GLU B 183 -11.31 34.95 -0.56
C GLU B 183 -12.79 34.87 -0.93
N GLU B 184 -13.31 35.88 -1.65
CA GLU B 184 -14.72 35.90 -2.02
C GLU B 184 -15.08 34.73 -2.91
N LEU B 185 -14.24 34.41 -3.89
CA LEU B 185 -14.50 33.26 -4.74
C LEU B 185 -14.52 31.96 -3.93
N PHE B 186 -13.58 31.82 -3.00
CA PHE B 186 -13.51 30.61 -2.18
C PHE B 186 -14.75 30.45 -1.32
N LEU B 187 -15.19 31.54 -0.69
CA LEU B 187 -16.35 31.44 0.21
C LEU B 187 -17.65 31.29 -0.56
N GLN B 188 -17.70 31.77 -1.80
CA GLN B 188 -18.86 31.53 -2.65
C GLN B 188 -19.10 30.04 -2.83
N THR B 189 -18.04 29.27 -3.11
CA THR B 189 -18.21 27.84 -3.34
C THR B 189 -18.66 27.14 -2.07
N LEU B 190 -18.11 27.54 -0.92
CA LEU B 190 -18.57 26.97 0.35
C LEU B 190 -20.06 27.25 0.54
N ASP B 191 -20.47 28.51 0.38
CA ASP B 191 -21.85 28.89 0.65
C ASP B 191 -22.82 28.18 -0.28
N ALA B 192 -22.43 28.01 -1.55
CA ALA B 192 -23.25 27.27 -2.51
C ALA B 192 -23.39 25.81 -2.10
N SER B 193 -22.31 25.19 -1.62
CA SER B 193 -22.39 23.81 -1.17
C SER B 193 -23.30 23.70 0.05
N ILE B 194 -23.18 24.63 0.99
CA ILE B 194 -24.10 24.68 2.13
C ILE B 194 -25.53 24.77 1.64
N ALA B 195 -25.79 25.64 0.66
CA ALA B 195 -27.12 25.82 0.13
C ALA B 195 -27.71 24.51 -0.41
N ARG B 196 -26.85 23.66 -0.99
CA ARG B 196 -27.29 22.38 -1.55
C ARG B 196 -27.51 21.32 -0.49
N GLY B 197 -27.22 21.62 0.77
CA GLY B 197 -27.38 20.68 1.86
C GLY B 197 -26.26 19.68 2.01
N GLU B 198 -25.06 19.98 1.53
CA GLU B 198 -23.95 19.03 1.57
C GLU B 198 -23.22 19.14 2.90
N ARG B 199 -23.08 18.00 3.59
CA ARG B 199 -22.37 17.94 4.85
C ARG B 199 -20.86 17.87 4.66
N SER B 200 -20.37 17.51 3.47
CA SER B 200 -18.94 17.52 3.20
C SER B 200 -18.67 18.06 1.80
N LEU B 201 -17.52 18.72 1.63
CA LEU B 201 -17.17 19.34 0.37
C LEU B 201 -15.66 19.18 0.15
N GLU B 202 -15.26 18.93 -1.11
CA GLU B 202 -13.86 19.05 -1.50
C GLU B 202 -13.71 20.21 -2.47
N VAL B 203 -12.72 21.06 -2.20
CA VAL B 203 -12.43 22.24 -3.00
C VAL B 203 -11.04 22.07 -3.59
N MET B 204 -10.98 22.06 -4.91
CA MET B 204 -9.74 21.96 -5.67
C MET B 204 -8.95 23.27 -5.60
N CYS B 205 -7.62 23.16 -5.57
CA CYS B 205 -6.79 24.35 -5.68
C CYS B 205 -5.41 23.95 -6.22
N HIS B 206 -4.63 24.98 -6.56
CA HIS B 206 -3.32 24.82 -7.19
C HIS B 206 -2.30 25.82 -6.65
N PRO B 207 -2.07 25.92 -5.34
CA PRO B 207 -1.07 26.88 -4.86
C PRO B 207 0.34 26.48 -5.29
N ALA B 208 1.18 27.50 -5.57
CA ALA B 208 2.57 27.29 -5.94
C ALA B 208 3.39 28.58 -5.80
N TYR B 209 4.70 28.42 -5.59
CA TYR B 209 5.67 29.46 -5.95
C TYR B 209 6.11 29.23 -7.40
N VAL B 210 6.51 30.31 -8.08
CA VAL B 210 6.82 30.20 -9.51
C VAL B 210 8.25 29.72 -9.71
N ASP B 211 8.39 28.65 -10.50
CA ASP B 211 9.69 28.24 -11.01
C ASP B 211 9.58 28.07 -12.52
N ARG B 212 10.63 27.55 -13.18
CA ARG B 212 10.60 27.47 -14.64
C ARG B 212 9.51 26.52 -15.14
N ILE B 213 9.22 25.45 -14.39
CA ILE B 213 8.13 24.56 -14.77
C ILE B 213 6.80 25.30 -14.73
N ILE B 214 6.53 26.04 -13.65
CA ILE B 214 5.28 26.79 -13.58
C ILE B 214 5.25 27.85 -14.68
N MET B 215 6.40 28.44 -15.02
CA MET B 215 6.43 29.44 -16.08
C MET B 215 6.08 28.83 -17.44
N GLY B 216 6.33 27.53 -17.61
CA GLY B 216 5.99 26.83 -18.82
C GLY B 216 4.55 26.37 -18.89
N SER B 217 3.77 26.62 -17.85
CA SER B 217 2.42 26.09 -17.71
C SER B 217 1.38 27.10 -18.16
N ALA B 218 0.19 26.58 -18.50
CA ALA B 218 -0.89 27.46 -18.93
C ALA B 218 -1.36 28.35 -17.78
N TYR B 219 -1.47 27.76 -16.59
CA TYR B 219 -1.92 28.43 -15.37
C TYR B 219 -0.68 28.70 -14.52
N CYS B 220 -0.28 29.96 -14.45
CA CYS B 220 1.02 30.30 -13.90
C CYS B 220 0.88 31.23 -12.69
N TYR B 221 0.86 32.55 -12.94
CA TYR B 221 0.87 33.50 -11.84
C TYR B 221 -0.31 33.41 -10.88
N PRO B 222 -1.53 33.01 -11.28
CA PRO B 222 -2.59 32.88 -10.27
C PRO B 222 -2.28 31.88 -9.18
N ARG B 223 -1.38 30.92 -9.42
CA ARG B 223 -1.01 30.01 -8.33
C ARG B 223 -0.50 30.78 -7.12
N LEU B 224 0.15 31.92 -7.34
CA LEU B 224 0.67 32.72 -6.24
C LEU B 224 -0.47 33.38 -5.46
N ASP B 225 -1.48 33.90 -6.17
CA ASP B 225 -2.60 34.52 -5.49
C ASP B 225 -3.48 33.49 -4.79
N GLU B 226 -3.59 32.26 -5.35
CA GLU B 226 -4.23 31.20 -4.59
C GLU B 226 -3.51 30.97 -3.27
N LEU B 227 -2.19 30.95 -3.30
CA LEU B 227 -1.44 30.68 -2.09
C LEU B 227 -1.65 31.77 -1.06
N ASP B 228 -1.71 33.03 -1.50
CA ASP B 228 -2.02 34.12 -0.58
C ASP B 228 -3.40 33.94 0.03
N VAL B 229 -4.41 33.67 -0.80
CA VAL B 229 -5.76 33.53 -0.28
C VAL B 229 -5.82 32.41 0.77
N LEU B 230 -5.17 31.29 0.48
CA LEU B 230 -5.32 30.10 1.32
C LEU B 230 -4.58 30.21 2.65
N THR B 231 -3.57 31.07 2.76
CA THR B 231 -2.80 31.22 3.98
C THR B 231 -3.24 32.42 4.83
N ALA B 232 -4.28 33.13 4.41
CA ALA B 232 -4.78 34.29 5.15
C ALA B 232 -5.50 33.85 6.42
N ALA B 233 -5.21 34.54 7.53
CA ALA B 233 -5.89 34.22 8.79
C ALA B 233 -7.39 34.38 8.66
N SER B 234 -7.83 35.37 7.87
CA SER B 234 -9.26 35.61 7.71
C SER B 234 -9.98 34.43 7.07
N LEU B 235 -9.29 33.64 6.25
CA LEU B 235 -9.96 32.50 5.62
C LEU B 235 -10.22 31.39 6.63
N LYS B 236 -9.25 31.12 7.50
CA LYS B 236 -9.44 30.14 8.55
C LYS B 236 -10.63 30.51 9.43
N ALA B 237 -10.77 31.79 9.75
CA ALA B 237 -11.90 32.24 10.57
C ALA B 237 -13.22 32.07 9.85
N ALA B 238 -13.25 32.38 8.55
CA ALA B 238 -14.50 32.31 7.78
C ALA B 238 -14.95 30.87 7.59
N VAL B 239 -13.99 29.95 7.39
CA VAL B 239 -14.31 28.52 7.35
C VAL B 239 -14.93 28.08 8.67
N ALA B 240 -14.27 28.43 9.78
CA ALA B 240 -14.80 28.20 11.12
C ALA B 240 -16.22 28.75 11.25
N ASP B 241 -16.42 29.99 10.81
CA ASP B 241 -17.71 30.67 10.98
C ASP B 241 -18.85 29.91 10.32
N ARG B 242 -18.55 29.05 9.35
CA ARG B 242 -19.58 28.33 8.62
C ARG B 242 -19.82 26.94 9.17
N GLY B 243 -19.16 26.58 10.27
CA GLY B 243 -19.35 25.28 10.88
C GLY B 243 -18.51 24.18 10.27
N TYR B 244 -17.56 24.51 9.38
CA TYR B 244 -16.71 23.50 8.78
C TYR B 244 -15.58 23.14 9.72
N ARG B 245 -15.29 21.84 9.80
CA ARG B 245 -14.06 21.33 10.39
C ARG B 245 -13.16 20.88 9.23
N LEU B 246 -11.89 21.31 9.25
CA LEU B 246 -10.97 20.96 8.19
C LEU B 246 -10.61 19.48 8.29
N GLY B 247 -10.74 18.76 7.17
CA GLY B 247 -10.50 17.33 7.15
C GLY B 247 -9.99 16.79 5.81
N THR B 248 -9.99 15.47 5.68
CA THR B 248 -9.39 14.80 4.53
C THR B 248 -10.38 13.78 4.01
N TYR B 249 -10.03 13.12 2.90
CA TYR B 249 -10.90 12.08 2.38
C TYR B 249 -10.97 10.88 3.33
N ARG B 250 -10.04 10.78 4.28
CA ARG B 250 -10.20 9.79 5.34
C ARG B 250 -11.45 10.04 6.16
N ASP B 251 -12.02 11.25 6.10
CA ASP B 251 -13.09 11.68 7.00
C ASP B 251 -14.47 11.62 6.37
N VAL B 252 -14.60 11.14 5.12
CA VAL B 252 -15.91 11.08 4.47
C VAL B 252 -16.34 9.62 4.42
N LEU B 253 -17.61 9.38 4.73
CA LEU B 253 -18.11 8.03 4.97
C LEU B 253 -18.93 7.52 3.79
N GLU B 254 -19.15 6.21 3.80
CA GLU B 254 -19.90 5.51 2.76
C GLU B 254 -21.36 5.37 3.15
ZN ZN C . 8.54 -17.01 12.99
C ACT D . 13.03 -16.78 18.19
O ACT D . 11.81 -16.99 18.09
OXT ACT D . 13.95 -17.15 17.42
CH3 ACT D . 13.48 -15.92 19.43
ZN ZN E . -3.80 18.63 -12.09
#